data_4ZR7
#
_entry.id   4ZR7
#
_cell.length_a   58.689
_cell.length_b   58.689
_cell.length_c   131.568
_cell.angle_alpha   90.00
_cell.angle_beta   90.00
_cell.angle_gamma   90.00
#
_symmetry.space_group_name_H-M   'P 43'
#
loop_
_entity.id
_entity.type
_entity.pdbx_description
1 polymer 'Sensor histidine kinase ResE'
2 non-polymer 'CHLORIDE ION'
3 non-polymer 'ACETATE ION'
4 water water
#
_entity_poly.entity_id   1
_entity_poly.type   'polypeptide(L)'
_entity_poly.pdbx_seq_one_letter_code
;SNAEEAENDLTQLANKVAVILENHEDQALARSITWELADNLTSIAIIQDEKNHWYSPNDKNRLSSITVEQIQHDKDLNKA
LKDHKKVSKRTGLSDTDTDNERLIVGVPYEKDGKKG(MSE)VFLSQSLLA
;
_entity_poly.pdbx_strand_id   A,B,C,D
#
loop_
_chem_comp.id
_chem_comp.type
_chem_comp.name
_chem_comp.formula
ACT non-polymer 'ACETATE ION' 'C2 H3 O2 -1'
CL non-polymer 'CHLORIDE ION' 'Cl -1'
#
# COMPACT_ATOMS: atom_id res chain seq x y z
N GLU A 5 -26.31 13.28 3.71
CA GLU A 5 -26.47 13.13 5.15
C GLU A 5 -25.18 12.62 5.79
N ALA A 6 -24.42 11.83 5.02
CA ALA A 6 -23.07 11.48 5.40
C ALA A 6 -22.21 12.74 5.48
N GLU A 7 -22.31 13.57 4.44
CA GLU A 7 -21.54 14.84 4.41
C GLU A 7 -21.87 15.69 5.61
N ASN A 8 -23.16 15.94 5.82
CA ASN A 8 -23.61 16.74 6.94
C ASN A 8 -23.03 16.28 8.27
N ASP A 9 -23.18 14.99 8.56
CA ASP A 9 -22.69 14.45 9.83
C ASP A 9 -21.17 14.37 9.92
N LEU A 10 -20.50 14.03 8.83
CA LEU A 10 -19.04 13.94 8.84
C LEU A 10 -18.38 15.31 8.84
N THR A 11 -19.04 16.28 8.22
CA THR A 11 -18.49 17.63 8.18
C THR A 11 -18.61 18.23 9.57
N GLN A 12 -19.73 17.96 10.24
CA GLN A 12 -19.92 18.39 11.61
C GLN A 12 -18.85 17.81 12.52
N LEU A 13 -18.68 16.48 12.45
CA LEU A 13 -17.65 15.79 13.20
C LEU A 13 -16.24 16.33 12.96
N ALA A 14 -15.89 16.58 11.71
CA ALA A 14 -14.55 17.07 11.35
C ALA A 14 -14.21 18.37 12.06
N ASN A 15 -15.18 19.26 12.11
CA ASN A 15 -14.99 20.56 12.72
C ASN A 15 -14.86 20.49 14.23
N LYS A 16 -15.58 19.55 14.84
CA LYS A 16 -15.39 19.26 16.25
C LYS A 16 -13.98 18.76 16.50
N VAL A 17 -13.50 17.88 15.64
CA VAL A 17 -12.14 17.40 15.77
C VAL A 17 -11.21 18.60 15.65
N ALA A 18 -11.57 19.54 14.78
CA ALA A 18 -10.79 20.77 14.59
C ALA A 18 -10.76 21.63 15.86
N VAL A 19 -11.92 21.88 16.43
CA VAL A 19 -12.05 22.56 17.72
C VAL A 19 -11.19 21.87 18.78
N ILE A 20 -11.32 20.55 18.87
CA ILE A 20 -10.60 19.73 19.87
C ILE A 20 -9.08 19.84 19.76
N LEU A 21 -8.56 19.64 18.55
CA LEU A 21 -7.14 19.80 18.30
C LEU A 21 -6.64 21.22 18.58
N GLU A 22 -7.42 22.20 18.15
CA GLU A 22 -7.04 23.60 18.31
C GLU A 22 -7.08 24.10 19.75
N ASN A 23 -7.91 23.48 20.60
CA ASN A 23 -8.13 23.99 21.94
C ASN A 23 -7.58 23.12 23.08
N HIS A 24 -6.79 22.12 22.75
CA HIS A 24 -6.00 21.40 23.74
C HIS A 24 -4.54 21.80 23.55
N GLU A 25 -3.83 22.07 24.65
CA GLU A 25 -2.40 22.34 24.57
C GLU A 25 -1.65 21.03 24.32
N ASP A 26 -2.18 19.95 24.89
CA ASP A 26 -1.59 18.64 24.72
C ASP A 26 -2.26 17.88 23.57
N GLN A 27 -1.56 17.80 22.46
CA GLN A 27 -2.09 17.23 21.23
C GLN A 27 -2.30 15.72 21.31
N ALA A 28 -1.36 15.03 21.98
CA ALA A 28 -1.49 13.60 22.21
C ALA A 28 -2.79 13.28 22.96
N LEU A 29 -3.15 14.13 23.92
CA LEU A 29 -4.43 13.97 24.64
C LEU A 29 -5.60 14.23 23.70
N ALA A 30 -5.52 15.32 22.96
CA ALA A 30 -6.56 15.69 21.99
C ALA A 30 -6.76 14.62 20.94
N ARG A 31 -5.68 13.92 20.57
CA ARG A 31 -5.81 12.78 19.64
C ARG A 31 -6.59 11.61 20.25
N SER A 32 -6.33 11.29 21.52
CA SER A 32 -6.98 10.15 22.17
C SER A 32 -8.48 10.39 22.36
N ILE A 33 -8.83 11.65 22.57
CA ILE A 33 -10.23 12.06 22.64
C ILE A 33 -10.86 11.93 21.26
N THR A 34 -10.08 12.31 20.26
CA THR A 34 -10.50 12.30 18.86
C THR A 34 -10.79 10.90 18.35
N TRP A 35 -9.95 9.93 18.72
CA TRP A 35 -10.10 8.55 18.25
C TRP A 35 -11.40 7.91 18.70
N GLU A 36 -11.97 8.40 19.80
CA GLU A 36 -13.21 7.86 20.34
C GLU A 36 -14.42 8.26 19.50
N LEU A 37 -14.18 9.14 18.52
CA LEU A 37 -15.21 9.68 17.64
C LEU A 37 -15.32 8.88 16.34
N ALA A 38 -14.26 8.16 16.00
CA ALA A 38 -14.29 7.32 14.80
C ALA A 38 -15.09 6.05 15.06
N ASP A 39 -16.14 5.83 14.27
CA ASP A 39 -16.92 4.59 14.41
C ASP A 39 -16.37 3.48 13.53
N ASN A 40 -17.04 2.33 13.57
CA ASN A 40 -16.62 1.15 12.82
C ASN A 40 -16.55 1.38 11.32
N LEU A 41 -17.13 2.49 10.86
CA LEU A 41 -17.13 2.82 9.43
C LEU A 41 -16.30 4.06 9.16
N THR A 42 -15.98 4.81 10.19
CA THR A 42 -15.19 6.03 9.99
C THR A 42 -13.82 5.92 10.63
N SER A 43 -12.83 6.51 9.96
CA SER A 43 -11.49 6.56 10.45
C SER A 43 -11.01 7.99 10.28
N ILE A 44 -9.99 8.37 11.04
CA ILE A 44 -9.45 9.74 10.98
C ILE A 44 -7.96 9.74 10.71
N ALA A 45 -7.52 10.69 9.90
CA ALA A 45 -6.10 10.89 9.61
C ALA A 45 -5.73 12.34 9.90
N ILE A 46 -5.04 12.56 11.01
CA ILE A 46 -4.58 13.89 11.40
C ILE A 46 -3.19 14.18 10.86
N ILE A 47 -3.05 15.27 10.10
CA ILE A 47 -1.76 15.65 9.55
C ILE A 47 -1.33 17.04 10.01
N GLN A 48 -0.41 17.08 10.98
CA GLN A 48 0.02 18.35 11.55
C GLN A 48 1.07 19.04 10.69
N ASP A 49 1.95 18.23 10.10
CA ASP A 49 2.98 18.75 9.21
C ASP A 49 3.61 17.60 8.44
N GLU A 50 4.64 17.91 7.67
CA GLU A 50 5.21 16.99 6.70
C GLU A 50 5.85 15.77 7.35
N LYS A 51 6.31 15.92 8.59
CA LYS A 51 7.03 14.85 9.27
C LYS A 51 6.15 14.20 10.34
N ASN A 52 4.96 14.74 10.53
CA ASN A 52 4.12 14.37 11.65
C ASN A 52 2.67 14.16 11.27
N HIS A 53 2.24 12.90 11.29
CA HIS A 53 0.84 12.58 11.09
C HIS A 53 0.46 11.38 11.95
N TRP A 54 -0.83 11.20 12.15
CA TRP A 54 -1.31 10.16 13.05
C TRP A 54 -2.64 9.63 12.56
N TYR A 55 -2.82 8.32 12.68
CA TYR A 55 -3.99 7.61 12.16
C TYR A 55 -4.87 7.04 13.26
N SER A 56 -6.19 7.12 13.05
CA SER A 56 -7.12 6.46 13.93
C SER A 56 -6.83 4.97 13.91
N PRO A 57 -6.71 4.36 15.10
CA PRO A 57 -6.33 2.95 15.17
C PRO A 57 -7.48 1.99 14.86
N ASN A 58 -7.19 0.70 14.82
CA ASN A 58 -8.21 -0.31 14.58
C ASN A 58 -8.17 -1.39 15.65
N LEU A 63 -10.42 -0.92 5.83
CA LEU A 63 -11.75 -0.76 5.24
C LEU A 63 -12.12 0.72 5.06
N SER A 64 -11.84 1.53 6.07
CA SER A 64 -12.14 2.96 5.99
C SER A 64 -10.93 3.87 6.17
N SER A 65 -9.76 3.30 6.38
CA SER A 65 -8.57 4.11 6.63
C SER A 65 -8.09 4.87 5.40
N ILE A 66 -7.38 5.98 5.60
CA ILE A 66 -6.79 6.73 4.50
C ILE A 66 -5.38 7.19 4.88
N THR A 67 -4.44 7.02 3.97
CA THR A 67 -3.03 7.36 4.23
C THR A 67 -2.64 8.69 3.60
N VAL A 68 -1.48 9.21 4.01
CA VAL A 68 -0.90 10.40 3.41
C VAL A 68 -0.64 10.19 1.92
N GLU A 69 -0.28 8.97 1.55
CA GLU A 69 -0.04 8.66 0.14
C GLU A 69 -1.34 8.63 -0.65
N GLN A 70 -2.38 8.02 -0.09
CA GLN A 70 -3.71 8.04 -0.72
C GLN A 70 -4.22 9.49 -0.90
N ILE A 71 -3.82 10.37 0.00
CA ILE A 71 -4.23 11.77 -0.06
C ILE A 71 -3.44 12.52 -1.13
N GLN A 72 -2.12 12.35 -1.09
CA GLN A 72 -1.22 12.97 -2.05
C GLN A 72 -1.45 12.45 -3.46
N HIS A 73 -2.19 11.36 -3.60
CA HIS A 73 -2.44 10.78 -4.92
C HIS A 73 -3.86 11.08 -5.40
N ASP A 74 -4.58 11.88 -4.62
CA ASP A 74 -5.88 12.40 -5.04
C ASP A 74 -5.68 13.89 -5.28
N LYS A 75 -5.79 14.30 -6.54
CA LYS A 75 -5.42 15.66 -6.94
C LYS A 75 -6.25 16.74 -6.23
N ASP A 76 -7.47 16.39 -5.87
CA ASP A 76 -8.34 17.32 -5.15
C ASP A 76 -8.06 17.32 -3.65
N LEU A 77 -7.75 16.14 -3.10
CA LEU A 77 -7.36 16.03 -1.70
C LEU A 77 -5.97 16.61 -1.50
N ASN A 78 -5.05 16.28 -2.40
CA ASN A 78 -3.69 16.81 -2.28
C ASN A 78 -3.65 18.33 -2.37
N LYS A 79 -4.47 18.89 -3.25
CA LYS A 79 -4.54 20.33 -3.40
C LYS A 79 -4.99 20.94 -2.09
N ALA A 80 -6.06 20.39 -1.51
CA ALA A 80 -6.59 20.85 -0.25
C ALA A 80 -5.51 20.80 0.84
N LEU A 81 -4.87 19.65 0.97
CA LEU A 81 -3.71 19.50 1.86
C LEU A 81 -2.63 20.56 1.61
N LYS A 82 -2.21 20.71 0.37
CA LYS A 82 -1.13 21.64 0.06
C LYS A 82 -1.56 23.05 0.44
N ASP A 83 -2.80 23.38 0.06
CA ASP A 83 -3.30 24.74 0.15
C ASP A 83 -4.06 25.04 1.43
N HIS A 84 -4.13 24.06 2.34
CA HIS A 84 -4.71 24.24 3.67
C HIS A 84 -6.17 24.67 3.54
N LYS A 85 -6.92 23.96 2.71
CA LYS A 85 -8.31 24.33 2.44
C LYS A 85 -9.23 23.14 2.62
N LYS A 86 -10.44 23.42 3.12
CA LYS A 86 -11.42 22.36 3.34
C LYS A 86 -11.81 21.70 2.02
N VAL A 87 -12.07 20.39 2.07
CA VAL A 87 -12.48 19.65 0.88
C VAL A 87 -13.52 18.60 1.24
N SER A 88 -14.47 18.39 0.34
CA SER A 88 -15.49 17.36 0.49
C SER A 88 -15.55 16.60 -0.82
N LYS A 89 -15.10 15.34 -0.79
CA LYS A 89 -15.04 14.54 -2.02
C LYS A 89 -15.47 13.10 -1.78
N ARG A 90 -16.12 12.54 -2.81
CA ARG A 90 -16.54 11.15 -2.76
C ARG A 90 -15.68 10.42 -3.78
N THR A 91 -15.00 9.35 -3.36
CA THR A 91 -14.06 8.68 -4.26
C THR A 91 -13.60 7.31 -3.77
N GLY A 92 -13.11 6.50 -4.70
CA GLY A 92 -12.35 5.32 -4.34
C GLY A 92 -10.93 5.77 -4.07
N LEU A 93 -10.19 5.00 -3.26
CA LEU A 93 -8.82 5.36 -2.95
C LEU A 93 -7.82 4.45 -3.66
N SER A 94 -6.59 4.93 -3.77
CA SER A 94 -5.54 4.25 -4.54
C SER A 94 -4.77 3.22 -3.70
N ASP A 95 -4.19 2.24 -4.39
CA ASP A 95 -3.31 1.25 -3.78
C ASP A 95 -3.96 0.51 -2.61
N THR A 96 -5.24 0.13 -2.77
CA THR A 96 -5.93 -0.62 -1.72
C THR A 96 -6.86 -1.71 -2.27
N ASP A 97 -6.91 -2.85 -1.59
CA ASP A 97 -7.87 -3.90 -1.89
C ASP A 97 -9.25 -3.32 -1.70
N THR A 98 -9.40 -2.57 -0.62
CA THR A 98 -10.69 -1.97 -0.29
C THR A 98 -10.91 -0.73 -1.13
N ASP A 99 -11.12 -0.95 -2.42
CA ASP A 99 -11.29 0.14 -3.38
C ASP A 99 -12.73 0.65 -3.38
N ASN A 100 -13.46 0.30 -2.32
CA ASN A 100 -14.82 0.80 -2.12
C ASN A 100 -14.85 2.32 -2.05
N GLU A 101 -15.92 2.91 -2.57
CA GLU A 101 -16.05 4.36 -2.60
C GLU A 101 -16.25 4.88 -1.18
N ARG A 102 -15.58 5.98 -0.86
CA ARG A 102 -15.69 6.58 0.45
C ARG A 102 -16.05 8.05 0.34
N LEU A 103 -16.78 8.53 1.33
CA LEU A 103 -16.92 9.96 1.46
C LEU A 103 -15.68 10.44 2.19
N ILE A 104 -15.08 11.52 1.72
CA ILE A 104 -13.95 12.11 2.42
C ILE A 104 -14.15 13.60 2.66
N VAL A 105 -13.93 14.00 3.92
CA VAL A 105 -14.02 15.36 4.35
C VAL A 105 -12.70 15.74 4.98
N GLY A 106 -12.01 16.72 4.38
CA GLY A 106 -10.83 17.31 4.97
C GLY A 106 -11.10 18.72 5.47
N VAL A 107 -10.57 19.05 6.65
CA VAL A 107 -10.76 20.36 7.26
C VAL A 107 -9.42 20.85 7.82
N PRO A 108 -9.04 22.11 7.52
CA PRO A 108 -7.79 22.59 8.10
C PRO A 108 -7.94 22.93 9.57
N TYR A 109 -6.84 22.84 10.32
CA TYR A 109 -6.80 23.32 11.69
C TYR A 109 -5.46 24.02 11.91
N GLU A 110 -5.41 24.95 12.85
CA GLU A 110 -4.14 25.60 13.18
C GLU A 110 -3.92 25.66 14.68
N LYS A 111 -2.69 25.42 15.11
CA LYS A 111 -2.35 25.48 16.52
C LYS A 111 -0.93 25.99 16.68
N ASP A 112 -0.77 27.07 17.43
CA ASP A 112 0.53 27.67 17.68
C ASP A 112 1.30 28.03 16.41
N GLY A 113 0.56 28.29 15.32
CA GLY A 113 1.18 28.59 14.04
C GLY A 113 1.30 27.34 13.19
N LYS A 114 1.29 26.17 13.84
CA LYS A 114 1.29 24.90 13.13
C LYS A 114 -0.03 24.73 12.39
N LYS A 115 -0.01 25.00 11.09
CA LYS A 115 -1.17 24.74 10.23
C LYS A 115 -1.23 23.23 9.96
N GLY A 116 -2.37 22.61 10.24
CA GLY A 116 -2.52 21.18 10.01
C GLY A 116 -3.80 20.87 9.29
N MSE A 117 -4.06 19.59 9.06
CA MSE A 117 -5.30 19.13 8.41
C MSE A 117 -5.89 17.95 9.17
O MSE A 117 -5.16 17.16 9.75
CB MSE A 117 -5.03 18.69 6.97
CG MSE A 117 -4.53 19.78 6.05
SE MSE A 117 -5.90 21.07 5.62
CE MSE A 117 -7.06 19.97 4.48
N VAL A 118 -7.21 17.83 9.14
CA VAL A 118 -7.85 16.63 9.63
C VAL A 118 -8.67 16.04 8.50
N PHE A 119 -8.32 14.85 8.07
CA PHE A 119 -9.10 14.18 7.05
C PHE A 119 -9.93 13.11 7.68
N LEU A 120 -11.18 13.03 7.24
CA LEU A 120 -12.09 12.01 7.72
C LEU A 120 -12.52 11.17 6.54
N SER A 121 -12.50 9.86 6.73
CA SER A 121 -12.91 8.97 5.66
C SER A 121 -14.00 8.01 6.14
N GLN A 122 -15.13 8.02 5.44
CA GLN A 122 -16.26 7.16 5.80
C GLN A 122 -16.57 6.18 4.69
N SER A 123 -16.77 4.93 5.05
CA SER A 123 -17.16 3.91 4.08
C SER A 123 -18.60 4.14 3.61
N LEU A 124 -18.82 4.12 2.31
CA LEU A 124 -20.18 4.28 1.79
C LEU A 124 -20.85 2.93 1.55
N LEU A 125 -21.97 2.72 2.24
CA LEU A 125 -22.75 1.51 2.06
C LEU A 125 -23.44 1.54 0.69
N ALA A 126 -23.69 0.36 0.14
CA ALA A 126 -24.24 0.24 -1.22
C ALA A 126 -25.76 0.28 -1.24
N GLU B 5 27.79 -13.44 -6.91
CA GLU B 5 27.05 -13.35 -5.65
C GLU B 5 25.62 -12.86 -5.81
N ALA B 6 25.18 -12.59 -7.03
CA ALA B 6 23.83 -12.06 -7.27
C ALA B 6 22.70 -12.91 -6.68
N GLU B 7 22.95 -14.21 -6.51
CA GLU B 7 21.95 -15.12 -5.94
C GLU B 7 21.59 -14.72 -4.53
N ASN B 8 22.56 -14.14 -3.83
CA ASN B 8 22.43 -13.81 -2.42
C ASN B 8 21.53 -12.61 -2.19
N ASP B 9 21.90 -11.50 -2.82
CA ASP B 9 21.10 -10.29 -2.80
C ASP B 9 19.64 -10.57 -3.14
N LEU B 10 19.44 -11.22 -4.29
CA LEU B 10 18.09 -11.46 -4.79
C LEU B 10 17.30 -12.39 -3.89
N THR B 11 17.97 -13.39 -3.33
CA THR B 11 17.32 -14.32 -2.42
C THR B 11 16.82 -13.60 -1.18
N GLN B 12 17.68 -12.73 -0.64
CA GLN B 12 17.37 -11.93 0.53
C GLN B 12 16.21 -11.00 0.22
N LEU B 13 16.17 -10.48 -1.00
CA LEU B 13 15.09 -9.57 -1.40
C LEU B 13 13.77 -10.32 -1.54
N ALA B 14 13.80 -11.42 -2.30
CA ALA B 14 12.65 -12.30 -2.45
C ALA B 14 12.05 -12.75 -1.11
N ASN B 15 12.92 -13.12 -0.16
CA ASN B 15 12.47 -13.47 1.18
C ASN B 15 11.73 -12.30 1.82
N LYS B 16 12.30 -11.10 1.74
CA LYS B 16 11.67 -9.89 2.25
C LYS B 16 10.28 -9.67 1.67
N VAL B 17 10.15 -9.81 0.35
CA VAL B 17 8.89 -9.59 -0.36
C VAL B 17 7.79 -10.53 0.13
N ALA B 18 8.12 -11.81 0.27
CA ALA B 18 7.18 -12.80 0.82
C ALA B 18 6.67 -12.37 2.21
N VAL B 19 7.59 -11.96 3.08
CA VAL B 19 7.21 -11.50 4.41
C VAL B 19 6.23 -10.34 4.34
N ILE B 20 6.48 -9.43 3.39
CA ILE B 20 5.64 -8.26 3.20
C ILE B 20 4.23 -8.64 2.71
N LEU B 21 4.15 -9.64 1.83
CA LEU B 21 2.87 -10.10 1.32
C LEU B 21 2.11 -10.91 2.37
N GLU B 22 2.84 -11.69 3.15
CA GLU B 22 2.20 -12.52 4.18
C GLU B 22 1.77 -11.69 5.39
N ASN B 23 2.30 -10.49 5.54
CA ASN B 23 2.00 -9.69 6.73
C ASN B 23 1.24 -8.39 6.48
N HIS B 24 0.55 -8.34 5.35
CA HIS B 24 -0.36 -7.25 5.06
C HIS B 24 -1.71 -7.85 4.71
N GLU B 25 -2.72 -7.50 5.50
CA GLU B 25 -4.10 -7.84 5.18
C GLU B 25 -4.49 -7.20 3.86
N ASP B 26 -3.93 -6.02 3.61
CA ASP B 26 -4.22 -5.24 2.42
C ASP B 26 -3.21 -5.53 1.29
N GLN B 27 -3.56 -6.46 0.42
CA GLN B 27 -2.64 -7.00 -0.58
C GLN B 27 -2.18 -5.97 -1.61
N ALA B 28 -3.10 -5.08 -1.98
CA ALA B 28 -2.78 -3.98 -2.89
C ALA B 28 -1.76 -3.03 -2.27
N LEU B 29 -1.93 -2.70 -0.99
CA LEU B 29 -0.95 -1.87 -0.28
C LEU B 29 0.39 -2.61 -0.23
N ALA B 30 0.30 -3.90 0.02
CA ALA B 30 1.49 -4.74 0.09
C ALA B 30 2.28 -4.69 -1.23
N ARG B 31 1.58 -4.81 -2.35
CA ARG B 31 2.28 -4.73 -3.64
C ARG B 31 2.84 -3.34 -3.96
N SER B 32 2.15 -2.29 -3.55
CA SER B 32 2.64 -0.93 -3.81
C SER B 32 3.90 -0.68 -2.97
N ILE B 33 3.93 -1.26 -1.79
CA ILE B 33 5.11 -1.24 -0.95
C ILE B 33 6.23 -1.96 -1.70
N THR B 34 5.87 -3.07 -2.33
CA THR B 34 6.85 -4.00 -2.90
C THR B 34 7.62 -3.48 -4.10
N TRP B 35 6.94 -2.81 -5.03
CA TRP B 35 7.61 -2.34 -6.24
C TRP B 35 8.79 -1.41 -5.91
N GLU B 36 8.69 -0.67 -4.81
CA GLU B 36 9.72 0.30 -4.46
C GLU B 36 11.05 -0.36 -4.12
N LEU B 37 10.98 -1.62 -3.69
CA LEU B 37 12.18 -2.37 -3.30
C LEU B 37 13.00 -2.73 -4.50
N ALA B 38 12.34 -2.99 -5.62
CA ALA B 38 13.01 -3.33 -6.86
C ALA B 38 13.71 -2.11 -7.41
N ASP B 39 15.00 -2.23 -7.68
CA ASP B 39 15.72 -1.16 -8.34
C ASP B 39 15.48 -1.20 -9.84
N ASN B 40 16.31 -0.50 -10.60
CA ASN B 40 16.28 -0.52 -12.05
C ASN B 40 16.70 -1.87 -12.62
N LEU B 41 17.50 -2.62 -11.86
CA LEU B 41 18.06 -3.88 -12.34
C LEU B 41 17.15 -5.05 -12.02
N THR B 42 16.09 -4.79 -11.26
CA THR B 42 15.26 -5.88 -10.75
C THR B 42 13.78 -5.68 -11.10
N SER B 43 13.12 -6.79 -11.41
CA SER B 43 11.71 -6.78 -11.73
C SER B 43 11.04 -7.81 -10.85
N ILE B 44 9.74 -7.68 -10.66
CA ILE B 44 9.02 -8.58 -9.75
C ILE B 44 7.69 -9.00 -10.33
N ALA B 45 7.38 -10.28 -10.17
CA ALA B 45 6.06 -10.77 -10.48
C ALA B 45 5.48 -11.43 -9.24
N ILE B 46 4.17 -11.26 -9.05
CA ILE B 46 3.48 -11.83 -7.91
C ILE B 46 2.27 -12.59 -8.40
N ILE B 47 2.30 -13.92 -8.26
CA ILE B 47 1.23 -14.77 -8.77
C ILE B 47 0.38 -15.34 -7.64
N GLN B 48 -0.81 -14.78 -7.48
CA GLN B 48 -1.72 -15.20 -6.42
C GLN B 48 -2.36 -16.56 -6.72
N ASP B 49 -3.08 -16.65 -7.83
CA ASP B 49 -3.64 -17.92 -8.27
C ASP B 49 -3.38 -18.14 -9.75
N GLU B 50 -4.32 -18.77 -10.44
CA GLU B 50 -4.20 -18.99 -11.88
C GLU B 50 -4.76 -17.82 -12.66
N LYS B 51 -5.52 -16.97 -11.96
CA LYS B 51 -6.03 -15.75 -12.57
C LYS B 51 -5.32 -14.49 -12.07
N ASN B 52 -5.19 -14.34 -10.76
CA ASN B 52 -4.66 -13.09 -10.20
C ASN B 52 -3.14 -13.01 -10.12
N HIS B 53 -2.58 -12.01 -10.78
CA HIS B 53 -1.13 -11.79 -10.78
C HIS B 53 -0.78 -10.34 -11.12
N TRP B 54 0.38 -9.87 -10.65
CA TRP B 54 0.75 -8.45 -10.83
C TRP B 54 2.21 -8.30 -11.19
N TYR B 55 2.52 -7.24 -11.93
CA TYR B 55 3.89 -6.99 -12.34
C TYR B 55 4.38 -5.64 -11.82
N SER B 56 5.66 -5.56 -11.49
CA SER B 56 6.27 -4.31 -11.13
C SER B 56 6.20 -3.37 -12.33
N PRO B 57 5.92 -2.08 -12.08
CA PRO B 57 5.89 -1.08 -13.15
C PRO B 57 7.24 -1.04 -13.85
N ASN B 58 7.21 -0.94 -15.17
CA ASN B 58 8.42 -0.87 -15.97
C ASN B 58 8.64 0.50 -16.56
N SER B 65 11.82 -7.33 -16.77
CA SER B 65 10.42 -7.64 -17.03
C SER B 65 10.24 -9.11 -17.32
N ILE B 66 9.40 -9.76 -16.53
CA ILE B 66 9.13 -11.18 -16.69
C ILE B 66 7.63 -11.39 -16.70
N THR B 67 7.15 -12.36 -17.48
CA THR B 67 5.71 -12.60 -17.60
C THR B 67 5.33 -13.99 -17.14
N VAL B 68 4.07 -14.16 -16.74
CA VAL B 68 3.56 -15.45 -16.32
C VAL B 68 3.81 -16.54 -17.38
N GLU B 69 3.61 -16.20 -18.65
CA GLU B 69 3.83 -17.17 -19.74
C GLU B 69 5.31 -17.58 -19.89
N GLN B 70 6.25 -16.67 -19.65
CA GLN B 70 7.68 -17.01 -19.74
C GLN B 70 8.10 -18.03 -18.67
N ILE B 71 7.63 -17.80 -17.45
CA ILE B 71 7.79 -18.75 -16.36
C ILE B 71 7.26 -20.12 -16.74
N GLN B 72 6.06 -20.13 -17.30
CA GLN B 72 5.41 -21.37 -17.69
C GLN B 72 6.17 -22.05 -18.83
N HIS B 73 6.98 -21.27 -19.54
CA HIS B 73 7.79 -21.82 -20.62
C HIS B 73 8.98 -22.60 -20.06
N ASP B 74 9.63 -22.04 -19.05
CA ASP B 74 10.81 -22.66 -18.46
C ASP B 74 10.42 -23.80 -17.54
N LYS B 75 11.02 -24.96 -17.76
CA LYS B 75 10.67 -26.18 -17.04
C LYS B 75 10.82 -26.02 -15.53
N ASP B 76 11.97 -25.50 -15.12
CA ASP B 76 12.27 -25.35 -13.71
C ASP B 76 11.40 -24.29 -13.04
N LEU B 77 11.24 -23.14 -13.69
CA LEU B 77 10.38 -22.07 -13.17
C LEU B 77 8.94 -22.56 -13.07
N ASN B 78 8.49 -23.29 -14.09
CA ASN B 78 7.12 -23.76 -14.12
C ASN B 78 6.86 -24.84 -13.07
N LYS B 79 7.89 -25.63 -12.75
CA LYS B 79 7.75 -26.65 -11.71
C LYS B 79 7.62 -26.03 -10.33
N ALA B 80 8.36 -24.94 -10.10
CA ALA B 80 8.32 -24.24 -8.83
C ALA B 80 6.96 -23.62 -8.61
N LEU B 81 6.39 -23.08 -9.68
CA LEU B 81 5.10 -22.42 -9.63
C LEU B 81 4.01 -23.46 -9.39
N LYS B 82 4.23 -24.65 -9.92
CA LYS B 82 3.23 -25.70 -9.84
C LYS B 82 3.25 -26.41 -8.49
N ASP B 83 4.45 -26.63 -7.97
CA ASP B 83 4.61 -27.33 -6.70
C ASP B 83 4.64 -26.39 -5.50
N HIS B 84 4.70 -25.08 -5.78
CA HIS B 84 4.73 -24.04 -4.73
C HIS B 84 6.01 -24.23 -3.92
N LYS B 85 7.13 -24.12 -4.62
CA LYS B 85 8.46 -24.41 -4.06
C LYS B 85 9.43 -23.30 -4.46
N LYS B 86 10.56 -23.23 -3.76
CA LYS B 86 11.59 -22.25 -4.12
C LYS B 86 12.36 -22.68 -5.37
N VAL B 87 12.89 -21.70 -6.10
CA VAL B 87 13.71 -21.95 -7.26
C VAL B 87 14.75 -20.83 -7.43
N SER B 88 15.86 -21.16 -8.09
CA SER B 88 16.86 -20.18 -8.50
C SER B 88 17.48 -20.64 -9.82
N LYS B 89 17.40 -19.80 -10.85
CA LYS B 89 17.91 -20.19 -12.16
C LYS B 89 18.43 -19.00 -12.96
N ARG B 90 19.64 -19.13 -13.51
CA ARG B 90 20.17 -18.14 -14.42
C ARG B 90 19.83 -18.57 -15.84
N THR B 91 19.15 -17.72 -16.60
CA THR B 91 18.64 -18.12 -17.92
C THR B 91 18.05 -16.97 -18.72
N GLY B 92 18.02 -17.14 -20.04
CA GLY B 92 17.30 -16.25 -20.91
C GLY B 92 15.82 -16.61 -20.95
N LEU B 93 14.98 -15.66 -21.34
CA LEU B 93 13.54 -15.90 -21.36
C LEU B 93 13.00 -15.95 -22.79
N SER B 94 11.86 -16.63 -22.96
CA SER B 94 11.23 -16.80 -24.26
C SER B 94 10.47 -15.56 -24.72
N ASP B 95 10.32 -15.45 -26.04
CA ASP B 95 9.49 -14.43 -26.69
C ASP B 95 9.74 -13.01 -26.19
N THR B 96 11.02 -12.62 -26.11
CA THR B 96 11.37 -11.24 -25.79
C THR B 96 12.66 -10.81 -26.48
N ASP B 97 12.74 -9.53 -26.84
CA ASP B 97 13.94 -8.94 -27.46
C ASP B 97 15.09 -8.92 -26.47
N THR B 98 14.79 -8.52 -25.24
CA THR B 98 15.78 -8.48 -24.16
C THR B 98 16.10 -9.90 -23.76
N ASP B 99 16.79 -10.63 -24.65
CA ASP B 99 17.08 -12.05 -24.45
C ASP B 99 18.37 -12.30 -23.67
N ASN B 100 18.82 -11.33 -22.88
CA ASN B 100 20.00 -11.53 -22.07
C ASN B 100 19.70 -12.49 -20.93
N GLU B 101 20.75 -13.01 -20.29
CA GLU B 101 20.59 -13.94 -19.17
C GLU B 101 20.14 -13.22 -17.91
N ARG B 102 19.06 -13.71 -17.29
CA ARG B 102 18.57 -13.11 -16.05
C ARG B 102 18.72 -14.07 -14.90
N LEU B 103 18.83 -13.53 -13.69
CA LEU B 103 18.73 -14.36 -12.51
C LEU B 103 17.28 -14.38 -12.05
N ILE B 104 16.68 -15.56 -12.05
CA ILE B 104 15.31 -15.71 -11.62
C ILE B 104 15.27 -16.38 -10.25
N VAL B 105 14.65 -15.69 -9.29
CA VAL B 105 14.39 -16.27 -7.98
C VAL B 105 12.89 -16.34 -7.68
N GLY B 106 12.42 -17.53 -7.34
CA GLY B 106 11.03 -17.74 -6.90
C GLY B 106 10.96 -18.07 -5.42
N VAL B 107 9.93 -17.56 -4.75
CA VAL B 107 9.71 -17.89 -3.34
C VAL B 107 8.21 -18.06 -3.15
N PRO B 108 7.80 -19.14 -2.47
CA PRO B 108 6.37 -19.26 -2.18
C PRO B 108 5.97 -18.28 -1.09
N TYR B 109 4.67 -18.02 -0.97
CA TYR B 109 4.13 -17.34 0.19
C TYR B 109 2.73 -17.89 0.45
N GLU B 110 2.18 -17.61 1.62
CA GLU B 110 0.80 -18.02 1.92
C GLU B 110 0.02 -16.87 2.54
N LYS B 111 -1.22 -16.70 2.12
CA LYS B 111 -2.07 -15.66 2.69
C LYS B 111 -3.54 -16.02 2.56
N ASP B 112 -4.18 -16.31 3.69
CA ASP B 112 -5.60 -16.61 3.75
C ASP B 112 -5.99 -17.80 2.88
N GLY B 113 -5.27 -18.91 3.05
CA GLY B 113 -5.52 -20.10 2.26
C GLY B 113 -4.96 -20.04 0.85
N LYS B 114 -4.26 -18.97 0.50
CA LYS B 114 -3.62 -18.83 -0.81
C LYS B 114 -2.20 -19.37 -0.81
N LYS B 115 -1.84 -20.16 -1.83
CA LYS B 115 -0.45 -20.56 -2.01
C LYS B 115 0.12 -19.94 -3.29
N GLY B 116 0.67 -18.73 -3.15
CA GLY B 116 1.18 -18.01 -4.29
C GLY B 116 2.69 -18.05 -4.43
N MSE B 117 3.21 -17.34 -5.42
CA MSE B 117 4.63 -17.30 -5.72
C MSE B 117 5.11 -15.89 -6.00
O MSE B 117 4.42 -15.12 -6.65
CB MSE B 117 4.95 -18.15 -6.95
CG MSE B 117 4.84 -19.64 -6.72
SE MSE B 117 6.34 -20.37 -5.75
CE MSE B 117 7.72 -20.20 -7.12
N VAL B 118 6.32 -15.59 -5.54
CA VAL B 118 6.96 -14.35 -5.92
C VAL B 118 8.16 -14.66 -6.80
N PHE B 119 8.21 -14.05 -7.98
CA PHE B 119 9.36 -14.23 -8.86
C PHE B 119 10.13 -12.92 -9.01
N LEU B 120 11.31 -12.86 -8.41
CA LEU B 120 12.24 -11.78 -8.69
C LEU B 120 13.11 -12.15 -9.87
N SER B 121 13.34 -11.19 -10.75
CA SER B 121 14.19 -11.42 -11.91
C SER B 121 15.15 -10.26 -12.03
N GLN B 122 16.44 -10.57 -12.05
CA GLN B 122 17.47 -9.54 -12.15
C GLN B 122 18.33 -9.77 -13.39
N SER B 123 18.34 -8.81 -14.30
CA SER B 123 19.17 -8.89 -15.50
C SER B 123 20.65 -8.76 -15.15
N LEU B 124 21.43 -9.78 -15.49
CA LEU B 124 22.83 -9.84 -15.09
C LEU B 124 23.73 -9.14 -16.10
N LEU B 125 24.90 -8.69 -15.62
CA LEU B 125 25.87 -7.97 -16.45
C LEU B 125 26.97 -8.88 -17.03
N ALA B 126 27.58 -8.49 -18.14
CA ALA B 126 28.62 -9.31 -18.77
C ALA B 126 29.96 -9.23 -18.04
N GLU C 5 -8.95 16.08 -36.41
CA GLU C 5 -7.56 16.09 -36.00
C GLU C 5 -7.44 15.50 -34.60
N ALA C 6 -7.50 16.36 -33.58
CA ALA C 6 -7.28 15.96 -32.19
C ALA C 6 -8.19 14.82 -31.70
N GLU C 7 -9.49 14.94 -31.93
CA GLU C 7 -10.43 13.90 -31.51
C GLU C 7 -10.25 12.62 -32.32
N ASN C 8 -9.85 12.80 -33.58
CA ASN C 8 -9.65 11.69 -34.48
C ASN C 8 -8.41 10.92 -34.09
N ASP C 9 -7.34 11.63 -33.77
CA ASP C 9 -6.10 11.00 -33.37
C ASP C 9 -6.24 10.32 -32.01
N LEU C 10 -7.01 10.93 -31.12
CA LEU C 10 -7.22 10.38 -29.80
C LEU C 10 -8.12 9.15 -29.88
N THR C 11 -9.05 9.14 -30.83
CA THR C 11 -9.95 8.00 -31.00
C THR C 11 -9.20 6.80 -31.55
N GLN C 12 -8.31 7.06 -32.51
CA GLN C 12 -7.46 6.05 -33.10
C GLN C 12 -6.54 5.47 -32.04
N LEU C 13 -6.08 6.32 -31.14
CA LEU C 13 -5.18 5.91 -30.09
C LEU C 13 -5.97 5.05 -29.14
N ALA C 14 -7.17 5.51 -28.82
CA ALA C 14 -8.10 4.76 -28.00
C ALA C 14 -8.45 3.43 -28.64
N ASN C 15 -8.53 3.41 -29.97
CA ASN C 15 -8.79 2.15 -30.68
C ASN C 15 -7.57 1.24 -30.66
N LYS C 16 -6.38 1.84 -30.67
CA LYS C 16 -5.13 1.10 -30.55
C LYS C 16 -5.02 0.41 -29.20
N VAL C 17 -5.40 1.12 -28.14
CA VAL C 17 -5.33 0.57 -26.79
C VAL C 17 -6.30 -0.59 -26.64
N ALA C 18 -7.47 -0.46 -27.24
CA ALA C 18 -8.44 -1.54 -27.23
C ALA C 18 -7.91 -2.80 -27.92
N VAL C 19 -7.24 -2.64 -29.06
CA VAL C 19 -6.63 -3.76 -29.79
C VAL C 19 -5.58 -4.50 -28.95
N ILE C 20 -4.77 -3.74 -28.22
CA ILE C 20 -3.78 -4.30 -27.30
C ILE C 20 -4.45 -5.14 -26.22
N LEU C 21 -5.45 -4.58 -25.57
CA LEU C 21 -6.17 -5.31 -24.53
C LEU C 21 -6.89 -6.55 -25.08
N GLU C 22 -7.51 -6.41 -26.23
CA GLU C 22 -8.26 -7.50 -26.80
C GLU C 22 -7.39 -8.66 -27.32
N ASN C 23 -6.10 -8.42 -27.53
CA ASN C 23 -5.26 -9.46 -28.13
C ASN C 23 -4.15 -10.10 -27.27
N HIS C 24 -4.16 -9.81 -25.98
CA HIS C 24 -3.28 -10.43 -25.00
C HIS C 24 -4.14 -11.29 -24.08
N GLU C 25 -3.68 -12.51 -23.78
CA GLU C 25 -4.38 -13.34 -22.81
C GLU C 25 -4.03 -12.93 -21.38
N ASP C 26 -3.03 -12.08 -21.25
CA ASP C 26 -2.54 -11.61 -19.96
C ASP C 26 -2.82 -10.11 -19.84
N GLN C 27 -3.86 -9.77 -19.10
CA GLN C 27 -4.31 -8.38 -19.00
C GLN C 27 -3.32 -7.48 -18.27
N ALA C 28 -2.74 -8.00 -17.18
CA ALA C 28 -1.74 -7.25 -16.44
C ALA C 28 -0.58 -6.86 -17.34
N LEU C 29 -0.15 -7.79 -18.19
CA LEU C 29 0.86 -7.52 -19.20
C LEU C 29 0.32 -6.54 -20.25
N ALA C 30 -0.93 -6.74 -20.65
CA ALA C 30 -1.53 -5.88 -21.66
C ALA C 30 -1.56 -4.41 -21.21
N ARG C 31 -1.84 -4.17 -19.93
CA ARG C 31 -1.96 -2.80 -19.45
C ARG C 31 -0.63 -2.05 -19.44
N SER C 32 0.42 -2.72 -18.96
CA SER C 32 1.73 -2.10 -18.86
C SER C 32 2.18 -1.65 -20.23
N ILE C 33 1.73 -2.36 -21.26
CA ILE C 33 2.04 -2.02 -22.65
C ILE C 33 1.26 -0.76 -23.10
N THR C 34 -0.01 -0.66 -22.71
CA THR C 34 -0.81 0.52 -23.09
C THR C 34 -0.32 1.81 -22.44
N TRP C 35 0.18 1.72 -21.21
CA TRP C 35 0.66 2.90 -20.48
C TRP C 35 1.78 3.66 -21.18
N GLU C 36 2.52 2.95 -22.05
CA GLU C 36 3.58 3.55 -22.85
C GLU C 36 3.03 4.54 -23.87
N LEU C 37 1.80 4.31 -24.29
CA LEU C 37 1.16 5.14 -25.31
C LEU C 37 0.62 6.40 -24.68
N ALA C 38 0.55 6.42 -23.36
CA ALA C 38 0.19 7.64 -22.64
C ALA C 38 1.36 8.60 -22.71
N ASP C 39 1.12 9.86 -22.36
CA ASP C 39 2.20 10.82 -22.25
C ASP C 39 1.89 11.92 -21.25
N ASN C 40 2.61 13.04 -21.37
CA ASN C 40 2.45 14.18 -20.48
C ASN C 40 1.04 14.76 -20.52
N LEU C 41 0.49 14.92 -21.72
CA LEU C 41 -0.82 15.54 -21.88
C LEU C 41 -1.97 14.56 -21.94
N THR C 42 -1.69 13.30 -22.26
CA THR C 42 -2.74 12.31 -22.41
C THR C 42 -2.65 11.22 -21.37
N SER C 43 -3.76 11.00 -20.67
CA SER C 43 -3.84 10.00 -19.63
C SER C 43 -4.86 8.94 -20.05
N ILE C 44 -4.79 7.78 -19.43
CA ILE C 44 -5.61 6.65 -19.83
C ILE C 44 -6.39 6.08 -18.65
N ALA C 45 -7.63 5.68 -18.89
CA ALA C 45 -8.37 4.92 -17.90
C ALA C 45 -9.02 3.70 -18.53
N ILE C 46 -8.68 2.53 -18.00
CA ILE C 46 -9.34 1.30 -18.44
C ILE C 46 -10.39 0.88 -17.42
N ILE C 47 -11.63 0.70 -17.89
CA ILE C 47 -12.72 0.30 -17.01
C ILE C 47 -13.36 -1.01 -17.47
N GLN C 48 -12.96 -2.10 -16.83
CA GLN C 48 -13.42 -3.44 -17.19
C GLN C 48 -14.86 -3.67 -16.77
N ASP C 49 -15.20 -3.22 -15.57
CA ASP C 49 -16.58 -3.25 -15.09
C ASP C 49 -16.79 -2.23 -13.97
N GLU C 50 -17.78 -2.51 -13.12
CA GLU C 50 -18.12 -1.60 -12.03
C GLU C 50 -17.04 -1.55 -10.96
N LYS C 51 -16.41 -2.69 -10.72
CA LYS C 51 -15.43 -2.86 -9.64
C LYS C 51 -14.00 -2.70 -10.13
N ASN C 52 -13.76 -3.07 -11.38
CA ASN C 52 -12.40 -3.20 -11.88
C ASN C 52 -12.01 -2.12 -12.89
N HIS C 53 -11.10 -1.24 -12.48
CA HIS C 53 -10.58 -0.19 -13.37
C HIS C 53 -9.08 0.02 -13.14
N TRP C 54 -8.41 0.61 -14.13
CA TRP C 54 -6.98 0.88 -14.02
C TRP C 54 -6.64 2.21 -14.67
N TYR C 55 -5.69 2.94 -14.09
CA TYR C 55 -5.34 4.26 -14.61
C TYR C 55 -3.88 4.29 -15.03
N SER C 56 -3.60 4.94 -16.15
CA SER C 56 -2.23 5.19 -16.57
C SER C 56 -1.48 5.84 -15.41
N PRO C 57 -0.20 5.52 -15.26
CA PRO C 57 0.60 6.04 -14.13
C PRO C 57 0.56 7.57 -14.01
N ASN C 58 0.25 8.05 -12.80
CA ASN C 58 0.07 9.48 -12.58
C ASN C 58 1.34 10.20 -12.11
N SER C 64 -4.17 16.47 -16.73
CA SER C 64 -5.06 15.99 -17.78
C SER C 64 -5.61 14.61 -17.48
N SER C 65 -5.49 14.16 -16.24
CA SER C 65 -5.91 12.80 -15.87
C SER C 65 -7.42 12.68 -15.74
N ILE C 66 -7.91 11.46 -15.55
CA ILE C 66 -9.35 11.21 -15.50
C ILE C 66 -9.73 9.98 -14.67
N THR C 67 -10.72 10.14 -13.81
CA THR C 67 -11.17 9.06 -12.93
C THR C 67 -12.58 8.61 -13.24
N VAL C 68 -12.89 7.38 -12.81
CA VAL C 68 -14.21 6.79 -12.98
C VAL C 68 -15.28 7.63 -12.28
N GLU C 69 -14.85 8.34 -11.24
CA GLU C 69 -15.75 9.24 -10.54
C GLU C 69 -16.23 10.35 -11.48
N GLN C 70 -15.28 11.03 -12.12
CA GLN C 70 -15.59 12.08 -13.07
C GLN C 70 -16.35 11.56 -14.28
N ILE C 71 -15.99 10.34 -14.70
CA ILE C 71 -16.72 9.64 -15.76
C ILE C 71 -18.14 9.35 -15.29
N GLN C 72 -18.30 9.08 -14.01
CA GLN C 72 -19.62 8.80 -13.46
C GLN C 72 -20.49 10.06 -13.39
N HIS C 73 -19.85 11.19 -13.11
CA HIS C 73 -20.57 12.44 -12.90
C HIS C 73 -20.99 13.10 -14.20
N ASP C 74 -20.42 12.63 -15.31
CA ASP C 74 -20.81 13.13 -16.61
C ASP C 74 -21.87 12.21 -17.20
N LYS C 75 -23.06 12.76 -17.39
CA LYS C 75 -24.22 11.98 -17.84
C LYS C 75 -24.01 11.40 -19.23
N ASP C 76 -23.20 12.08 -20.03
CA ASP C 76 -22.93 11.66 -21.39
C ASP C 76 -21.94 10.50 -21.42
N LEU C 77 -20.80 10.70 -20.77
CA LEU C 77 -19.79 9.66 -20.62
C LEU C 77 -20.36 8.41 -19.95
N ASN C 78 -20.98 8.62 -18.79
CA ASN C 78 -21.62 7.52 -18.06
C ASN C 78 -22.57 6.73 -18.92
N LYS C 79 -23.32 7.43 -19.76
CA LYS C 79 -24.29 6.80 -20.65
C LYS C 79 -23.60 5.80 -21.57
N ALA C 80 -22.57 6.26 -22.27
CA ALA C 80 -21.81 5.41 -23.19
C ALA C 80 -21.07 4.30 -22.45
N LEU C 81 -20.75 4.56 -21.19
CA LEU C 81 -20.13 3.55 -20.37
C LEU C 81 -21.13 2.43 -20.07
N LYS C 82 -22.35 2.82 -19.74
CA LYS C 82 -23.37 1.87 -19.33
C LYS C 82 -23.87 1.00 -20.47
N ASP C 83 -23.73 1.50 -21.69
CA ASP C 83 -24.24 0.76 -22.84
C ASP C 83 -23.15 0.34 -23.83
N HIS C 84 -21.89 0.48 -23.42
CA HIS C 84 -20.78 -0.09 -24.18
C HIS C 84 -20.72 0.49 -25.60
N LYS C 85 -20.62 1.81 -25.71
CA LYS C 85 -20.55 2.47 -27.01
C LYS C 85 -19.54 3.62 -27.02
N LYS C 86 -18.95 3.87 -28.19
CA LYS C 86 -18.04 5.00 -28.38
C LYS C 86 -18.66 6.31 -27.92
N VAL C 87 -17.81 7.24 -27.50
CA VAL C 87 -18.24 8.55 -27.01
C VAL C 87 -17.07 9.52 -27.13
N SER C 88 -17.40 10.81 -27.17
CA SER C 88 -16.37 11.84 -27.08
C SER C 88 -17.02 13.07 -26.50
N LYS C 89 -16.32 13.75 -25.59
CA LYS C 89 -16.85 14.97 -25.00
C LYS C 89 -15.75 15.92 -24.54
N ARG C 90 -15.93 17.20 -24.84
CA ARG C 90 -15.04 18.22 -24.32
C ARG C 90 -15.66 18.76 -23.05
N THR C 91 -15.17 18.27 -21.91
CA THR C 91 -15.74 18.58 -20.61
C THR C 91 -15.13 19.81 -19.98
N GLY C 92 -15.81 20.32 -18.95
CA GLY C 92 -15.33 21.45 -18.19
C GLY C 92 -15.54 22.78 -18.86
N LEU C 93 -16.46 22.81 -19.81
CA LEU C 93 -16.70 24.05 -20.56
C LEU C 93 -17.87 24.85 -19.99
N SER C 94 -18.67 24.22 -19.16
CA SER C 94 -19.88 24.85 -18.65
C SER C 94 -19.89 25.02 -17.13
N ASP C 95 -18.72 24.89 -16.53
CA ASP C 95 -18.55 25.24 -15.12
C ASP C 95 -17.46 26.29 -14.97
N THR C 96 -16.97 26.50 -13.76
CA THR C 96 -15.98 27.54 -13.51
C THR C 96 -14.70 27.00 -12.87
N ASP C 97 -14.47 25.70 -13.02
CA ASP C 97 -13.30 25.08 -12.40
C ASP C 97 -12.01 25.29 -13.18
N THR C 98 -11.90 26.46 -13.81
CA THR C 98 -10.66 26.90 -14.46
C THR C 98 -10.10 25.90 -15.46
N ASP C 99 -9.48 24.84 -14.94
CA ASP C 99 -8.83 23.86 -15.80
C ASP C 99 -9.27 22.44 -15.48
N ASN C 100 -10.58 22.21 -15.51
CA ASN C 100 -11.10 20.87 -15.59
C ASN C 100 -11.49 20.64 -17.05
N GLU C 101 -10.97 21.52 -17.91
CA GLU C 101 -11.23 21.50 -19.35
C GLU C 101 -10.40 20.45 -20.03
N ARG C 102 -11.05 19.36 -20.44
CA ARG C 102 -10.37 18.23 -21.04
C ARG C 102 -11.11 17.74 -22.26
N LEU C 103 -10.38 17.10 -23.16
CA LEU C 103 -10.99 16.33 -24.25
C LEU C 103 -11.04 14.88 -23.80
N ILE C 104 -12.21 14.27 -23.86
CA ILE C 104 -12.32 12.87 -23.48
C ILE C 104 -12.88 12.03 -24.62
N VAL C 105 -12.32 10.84 -24.82
CA VAL C 105 -12.84 9.89 -25.79
C VAL C 105 -12.92 8.49 -25.16
N GLY C 106 -14.06 7.82 -25.36
CA GLY C 106 -14.30 6.52 -24.75
C GLY C 106 -14.52 5.46 -25.81
N VAL C 107 -13.78 4.37 -25.73
CA VAL C 107 -13.90 3.34 -26.75
C VAL C 107 -14.17 1.94 -26.14
N PRO C 108 -15.18 1.25 -26.66
CA PRO C 108 -15.46 -0.03 -26.01
C PRO C 108 -14.44 -1.13 -26.39
N TYR C 109 -14.11 -2.00 -25.44
CA TYR C 109 -13.35 -3.22 -25.75
C TYR C 109 -14.04 -4.42 -25.12
N GLU C 110 -13.78 -5.60 -25.67
CA GLU C 110 -14.34 -6.84 -25.11
C GLU C 110 -13.31 -7.95 -25.11
N LYS C 111 -13.21 -8.65 -23.97
CA LYS C 111 -12.23 -9.72 -23.83
C LYS C 111 -12.74 -10.79 -22.88
N ASP C 112 -12.89 -12.01 -23.42
CA ASP C 112 -13.39 -13.17 -22.68
C ASP C 112 -14.79 -12.92 -22.14
N GLY C 113 -15.61 -12.22 -22.92
CA GLY C 113 -16.99 -11.96 -22.54
C GLY C 113 -17.15 -10.63 -21.81
N LYS C 114 -16.08 -10.19 -21.18
CA LYS C 114 -16.09 -8.94 -20.43
C LYS C 114 -16.14 -7.73 -21.35
N LYS C 115 -17.33 -7.11 -21.45
CA LYS C 115 -17.47 -5.83 -22.12
C LYS C 115 -16.87 -4.73 -21.26
N GLY C 116 -16.06 -3.87 -21.88
CA GLY C 116 -15.42 -2.79 -21.15
C GLY C 116 -15.26 -1.55 -22.01
N MSE C 117 -14.66 -0.51 -21.41
CA MSE C 117 -14.40 0.74 -22.11
C MSE C 117 -12.96 1.20 -21.87
O MSE C 117 -12.38 0.91 -20.85
CB MSE C 117 -15.34 1.85 -21.61
CG MSE C 117 -16.83 1.61 -21.91
SE MSE C 117 -17.38 2.24 -23.67
CE MSE C 117 -16.81 4.10 -23.54
N VAL C 118 -12.42 1.92 -22.85
CA VAL C 118 -11.13 2.57 -22.73
C VAL C 118 -11.31 4.06 -22.88
N PHE C 119 -11.06 4.81 -21.80
CA PHE C 119 -11.24 6.26 -21.83
C PHE C 119 -9.88 6.95 -21.90
N LEU C 120 -9.74 7.83 -22.88
CA LEU C 120 -8.56 8.66 -22.97
C LEU C 120 -8.97 10.11 -22.78
N SER C 121 -8.16 10.83 -22.01
CA SER C 121 -8.46 12.22 -21.68
C SER C 121 -7.23 13.05 -21.97
N GLN C 122 -7.44 14.22 -22.54
CA GLN C 122 -6.34 15.13 -22.81
C GLN C 122 -6.78 16.53 -22.47
N SER C 123 -5.83 17.39 -22.14
CA SER C 123 -6.12 18.78 -21.86
C SER C 123 -6.56 19.50 -23.13
N LEU C 124 -7.40 20.50 -22.95
CA LEU C 124 -7.82 21.34 -24.06
C LEU C 124 -6.82 22.47 -24.29
N LEU C 125 -5.56 22.19 -24.00
CA LEU C 125 -4.46 23.12 -24.28
C LEU C 125 -3.61 22.52 -25.38
N SER D 1 12.17 -28.35 24.76
CA SER D 1 12.33 -28.19 23.31
C SER D 1 11.43 -27.09 22.76
N ASN D 2 10.20 -27.04 23.26
CA ASN D 2 9.24 -26.04 22.83
C ASN D 2 9.65 -24.63 23.24
N ALA D 3 10.30 -24.51 24.40
CA ALA D 3 10.77 -23.22 24.89
C ALA D 3 11.88 -22.66 23.99
N GLU D 4 12.63 -23.55 23.33
CA GLU D 4 13.56 -23.12 22.31
C GLU D 4 12.81 -22.75 21.05
N GLU D 5 11.81 -23.57 20.72
CA GLU D 5 10.98 -23.35 19.55
C GLU D 5 10.08 -22.12 19.74
N ALA D 6 9.75 -21.80 21.00
CA ALA D 6 9.01 -20.59 21.30
C ALA D 6 9.89 -19.36 21.08
N GLU D 7 11.16 -19.49 21.42
CA GLU D 7 12.08 -18.38 21.26
C GLU D 7 12.50 -18.18 19.81
N ASN D 8 12.69 -19.26 19.07
CA ASN D 8 13.01 -19.15 17.66
C ASN D 8 11.86 -18.52 16.89
N ASP D 9 10.64 -18.92 17.22
CA ASP D 9 9.44 -18.34 16.61
C ASP D 9 9.39 -16.84 16.88
N LEU D 10 9.46 -16.47 18.15
CA LEU D 10 9.39 -15.08 18.56
C LEU D 10 10.44 -14.20 17.86
N THR D 11 11.65 -14.73 17.70
CA THR D 11 12.71 -13.98 17.04
C THR D 11 12.39 -13.80 15.57
N GLN D 12 11.86 -14.86 14.96
CA GLN D 12 11.47 -14.83 13.56
C GLN D 12 10.38 -13.79 13.34
N LEU D 13 9.45 -13.72 14.28
CA LEU D 13 8.34 -12.78 14.20
C LEU D 13 8.87 -11.35 14.35
N ALA D 14 9.81 -11.16 15.27
CA ALA D 14 10.43 -9.85 15.47
C ALA D 14 11.15 -9.36 14.22
N ASN D 15 11.81 -10.27 13.51
CA ASN D 15 12.48 -9.91 12.27
C ASN D 15 11.49 -9.42 11.22
N LYS D 16 10.37 -10.13 11.09
CA LYS D 16 9.36 -9.73 10.13
C LYS D 16 8.85 -8.33 10.47
N VAL D 17 8.76 -8.01 11.76
CA VAL D 17 8.32 -6.68 12.15
C VAL D 17 9.33 -5.67 11.63
N ALA D 18 10.62 -5.97 11.80
CA ALA D 18 11.68 -5.09 11.32
C ALA D 18 11.60 -4.88 9.80
N VAL D 19 11.27 -5.95 9.06
CA VAL D 19 11.06 -5.87 7.62
C VAL D 19 9.95 -4.85 7.31
N ILE D 20 8.79 -5.01 7.92
CA ILE D 20 7.68 -4.06 7.74
C ILE D 20 8.06 -2.61 8.10
N LEU D 21 8.72 -2.41 9.23
CA LEU D 21 9.13 -1.04 9.59
C LEU D 21 10.15 -0.46 8.61
N GLU D 22 11.14 -1.27 8.25
CA GLU D 22 12.19 -0.82 7.36
C GLU D 22 11.74 -0.59 5.92
N ASN D 23 10.54 -1.02 5.58
CA ASN D 23 10.09 -0.95 4.18
C ASN D 23 8.91 -0.01 3.87
N HIS D 24 8.39 0.65 4.88
CA HIS D 24 7.44 1.75 4.69
C HIS D 24 8.10 3.09 4.97
N GLU D 25 7.88 4.07 4.10
CA GLU D 25 8.24 5.45 4.41
C GLU D 25 7.31 5.92 5.51
N ASP D 26 6.05 5.50 5.42
CA ASP D 26 5.03 5.95 6.37
C ASP D 26 5.11 5.11 7.63
N GLN D 27 5.77 5.67 8.65
CA GLN D 27 6.03 4.91 9.86
C GLN D 27 4.79 4.72 10.76
N ALA D 28 3.88 5.69 10.75
CA ALA D 28 2.60 5.53 11.46
C ALA D 28 1.82 4.36 10.87
N LEU D 29 1.82 4.30 9.54
CA LEU D 29 1.15 3.24 8.83
C LEU D 29 1.83 1.90 9.08
N ALA D 30 3.15 1.86 8.95
CA ALA D 30 3.92 0.66 9.27
C ALA D 30 3.56 0.09 10.64
N ARG D 31 3.55 0.96 11.66
CA ARG D 31 3.21 0.54 13.04
C ARG D 31 1.80 -0.04 13.13
N SER D 32 0.87 0.55 12.39
CA SER D 32 -0.51 0.08 12.38
C SER D 32 -0.60 -1.30 11.73
N ILE D 33 0.32 -1.58 10.82
CA ILE D 33 0.41 -2.90 10.19
C ILE D 33 0.96 -3.92 11.19
N THR D 34 2.03 -3.51 11.87
CA THR D 34 2.72 -4.40 12.81
C THR D 34 1.90 -4.73 14.06
N TRP D 35 0.91 -3.91 14.40
CA TRP D 35 0.12 -4.20 15.59
C TRP D 35 -0.68 -5.50 15.43
N GLU D 36 -1.05 -5.82 14.20
CA GLU D 36 -1.87 -6.99 13.93
C GLU D 36 -1.10 -8.30 14.02
N LEU D 37 0.21 -8.20 14.15
CA LEU D 37 1.08 -9.35 14.19
C LEU D 37 1.19 -9.93 15.59
N ALA D 38 0.69 -9.19 16.57
CA ALA D 38 0.72 -9.64 17.96
C ALA D 38 -0.58 -10.33 18.34
N ASP D 39 -0.50 -11.61 18.67
CA ASP D 39 -1.67 -12.33 19.13
C ASP D 39 -1.88 -12.11 20.62
N ASN D 40 -2.93 -12.73 21.16
CA ASN D 40 -3.30 -12.56 22.56
C ASN D 40 -2.18 -12.91 23.54
N LEU D 41 -1.11 -13.54 23.05
CA LEU D 41 -0.02 -14.01 23.89
C LEU D 41 1.26 -13.19 23.72
N THR D 42 1.29 -12.32 22.71
CA THR D 42 2.50 -11.58 22.31
C THR D 42 2.32 -10.07 22.44
N SER D 43 3.35 -9.38 22.91
CA SER D 43 3.32 -7.93 23.02
C SER D 43 4.51 -7.29 22.30
N ILE D 44 4.23 -6.23 21.55
CA ILE D 44 5.28 -5.53 20.79
C ILE D 44 5.54 -4.14 21.35
N ALA D 45 6.81 -3.80 21.47
CA ALA D 45 7.25 -2.45 21.78
C ALA D 45 8.27 -2.03 20.74
N ILE D 46 8.10 -0.83 20.20
CA ILE D 46 9.01 -0.29 19.19
C ILE D 46 9.73 0.94 19.73
N ILE D 47 11.02 0.80 20.01
CA ILE D 47 11.82 1.89 20.55
C ILE D 47 12.69 2.54 19.48
N GLN D 48 12.31 3.71 19.01
CA GLN D 48 13.12 4.45 18.05
C GLN D 48 14.28 5.12 18.79
N ASP D 49 13.95 5.80 19.89
CA ASP D 49 14.94 6.43 20.73
C ASP D 49 14.41 6.63 22.14
N GLU D 50 15.15 7.40 22.95
CA GLU D 50 14.73 7.68 24.32
C GLU D 50 13.40 8.43 24.33
N LYS D 51 13.13 9.16 23.27
CA LYS D 51 11.88 9.91 23.13
C LYS D 51 10.79 9.07 22.46
N ASN D 52 10.98 8.75 21.19
CA ASN D 52 9.94 8.10 20.40
C ASN D 52 9.86 6.59 20.58
N HIS D 53 8.78 6.14 21.21
CA HIS D 53 8.47 4.72 21.28
C HIS D 53 6.95 4.51 21.14
N TRP D 54 6.57 3.29 20.79
CA TRP D 54 5.17 2.96 20.58
C TRP D 54 4.89 1.53 21.05
N TYR D 55 3.75 1.33 21.70
CA TYR D 55 3.38 0.01 22.19
C TYR D 55 2.19 -0.54 21.41
N SER D 56 2.08 -1.86 21.35
CA SER D 56 0.89 -2.48 20.81
C SER D 56 -0.28 -2.26 21.77
N PRO D 57 -1.44 -1.84 21.23
CA PRO D 57 -2.64 -1.59 22.03
C PRO D 57 -3.12 -2.86 22.75
N ASN D 58 -3.72 -2.68 23.92
CA ASN D 58 -4.20 -3.80 24.72
C ASN D 58 -5.65 -3.59 25.13
N SER D 64 1.81 -10.56 28.87
CA SER D 64 2.85 -10.37 27.86
C SER D 64 3.34 -8.92 27.80
N SER D 65 2.56 -8.00 28.36
CA SER D 65 2.82 -6.55 28.29
C SER D 65 4.26 -6.15 28.61
N ILE D 66 4.75 -5.15 27.88
CA ILE D 66 6.13 -4.66 28.04
C ILE D 66 6.19 -3.15 27.92
N THR D 67 7.04 -2.53 28.74
CA THR D 67 7.22 -1.08 28.68
C THR D 67 8.67 -0.70 28.45
N VAL D 68 8.89 0.56 28.09
CA VAL D 68 10.22 1.11 27.95
C VAL D 68 10.96 1.05 29.27
N GLU D 69 10.27 1.45 30.33
CA GLU D 69 10.87 1.52 31.66
C GLU D 69 11.40 0.16 32.11
N GLN D 70 10.63 -0.88 31.84
CA GLN D 70 11.03 -2.25 32.15
C GLN D 70 12.30 -2.65 31.42
N ILE D 71 12.34 -2.35 30.12
CA ILE D 71 13.49 -2.69 29.29
C ILE D 71 14.78 -2.04 29.77
N GLN D 72 14.77 -0.73 29.95
CA GLN D 72 16.00 -0.01 30.29
C GLN D 72 16.49 -0.28 31.71
N HIS D 73 15.65 -0.88 32.54
CA HIS D 73 16.04 -1.24 33.90
C HIS D 73 16.67 -2.62 33.94
N ASP D 74 16.68 -3.30 32.79
CA ASP D 74 17.24 -4.63 32.70
C ASP D 74 18.59 -4.57 32.01
N LYS D 75 19.63 -5.02 32.71
CA LYS D 75 21.01 -4.89 32.23
C LYS D 75 21.20 -5.45 30.83
N ASP D 76 20.63 -6.62 30.58
CA ASP D 76 20.74 -7.27 29.29
C ASP D 76 19.95 -6.55 28.21
N LEU D 77 18.67 -6.30 28.49
CA LEU D 77 17.79 -5.64 27.53
C LEU D 77 18.24 -4.22 27.26
N ASN D 78 18.73 -3.56 28.31
CA ASN D 78 19.16 -2.18 28.17
C ASN D 78 20.45 -2.07 27.38
N LYS D 79 21.39 -2.96 27.65
CA LYS D 79 22.69 -2.93 26.99
C LYS D 79 22.53 -3.21 25.50
N ALA D 80 21.55 -4.05 25.18
CA ALA D 80 21.30 -4.41 23.78
C ALA D 80 20.72 -3.23 23.05
N LEU D 81 19.81 -2.52 23.71
CA LEU D 81 19.24 -1.30 23.18
C LEU D 81 20.37 -0.35 22.79
N LYS D 82 21.38 -0.25 23.66
CA LYS D 82 22.52 0.60 23.40
C LYS D 82 23.41 0.03 22.31
N ASP D 83 23.70 -1.27 22.41
CA ASP D 83 24.63 -1.91 21.48
C ASP D 83 23.98 -2.25 20.14
N HIS D 84 22.64 -2.18 20.09
CA HIS D 84 21.89 -2.38 18.86
C HIS D 84 22.12 -3.79 18.27
N LYS D 85 22.00 -4.79 19.13
CA LYS D 85 22.18 -6.18 18.75
C LYS D 85 20.92 -6.98 19.07
N LYS D 86 20.78 -8.16 18.49
CA LYS D 86 19.70 -9.06 18.87
C LYS D 86 19.90 -9.54 20.31
N VAL D 87 18.81 -9.60 21.06
CA VAL D 87 18.87 -9.96 22.47
C VAL D 87 17.77 -10.98 22.78
N SER D 88 18.11 -11.91 23.67
CA SER D 88 17.14 -12.86 24.20
C SER D 88 17.27 -12.83 25.71
N LYS D 89 16.16 -13.10 26.41
CA LYS D 89 16.18 -13.13 27.87
C LYS D 89 14.87 -13.66 28.45
N ARG D 90 15.00 -14.53 29.44
CA ARG D 90 13.88 -14.96 30.23
C ARG D 90 13.97 -14.23 31.56
N THR D 91 13.01 -13.34 31.80
CA THR D 91 13.09 -12.39 32.88
C THR D 91 12.09 -12.70 33.97
N GLY D 92 12.23 -12.04 35.11
CA GLY D 92 11.28 -12.15 36.19
C GLY D 92 11.31 -13.49 36.88
N LEU D 93 12.26 -14.32 36.48
CA LEU D 93 12.40 -15.65 37.04
C LEU D 93 13.13 -15.58 38.37
N SER D 94 13.96 -14.55 38.52
CA SER D 94 14.97 -14.51 39.57
C SER D 94 14.56 -13.72 40.83
N ASP D 95 13.33 -13.24 40.87
CA ASP D 95 12.79 -12.73 42.13
C ASP D 95 11.69 -13.64 42.66
N THR D 96 10.97 -13.18 43.67
CA THR D 96 9.87 -13.94 44.23
C THR D 96 8.56 -13.69 43.47
N ASP D 97 8.64 -12.84 42.44
CA ASP D 97 7.46 -12.50 41.63
C ASP D 97 7.31 -13.40 40.40
N THR D 98 6.32 -14.28 40.41
CA THR D 98 6.09 -15.19 39.29
C THR D 98 5.19 -14.55 38.22
N ASP D 99 4.90 -13.27 38.38
CA ASP D 99 4.04 -12.57 37.45
C ASP D 99 4.82 -11.95 36.28
N ASN D 100 5.98 -11.39 36.58
CA ASN D 100 6.76 -10.71 35.55
C ASN D 100 7.67 -11.64 34.76
N GLU D 101 7.34 -12.93 34.77
CA GLU D 101 8.09 -13.92 34.01
C GLU D 101 7.76 -13.83 32.52
N ARG D 102 8.70 -13.32 31.74
CA ARG D 102 8.51 -13.16 30.31
C ARG D 102 9.63 -13.76 29.51
N LEU D 103 9.34 -14.12 28.27
CA LEU D 103 10.38 -14.32 27.28
C LEU D 103 10.48 -13.04 26.44
N ILE D 104 11.63 -12.37 26.50
CA ILE D 104 11.75 -11.10 25.80
C ILE D 104 12.87 -11.10 24.78
N VAL D 105 12.52 -10.90 23.51
CA VAL D 105 13.50 -10.85 22.43
C VAL D 105 13.50 -9.50 21.71
N GLY D 106 14.70 -9.00 21.42
CA GLY D 106 14.84 -7.76 20.67
C GLY D 106 15.65 -7.95 19.39
N VAL D 107 15.28 -7.22 18.34
CA VAL D 107 16.04 -7.22 17.09
C VAL D 107 16.26 -5.79 16.60
N PRO D 108 17.39 -5.54 15.94
CA PRO D 108 17.62 -4.21 15.38
C PRO D 108 16.79 -3.93 14.12
N TYR D 109 16.48 -2.65 13.90
CA TYR D 109 15.95 -2.21 12.62
C TYR D 109 16.53 -0.84 12.29
N GLU D 110 16.71 -0.56 11.02
CA GLU D 110 17.22 0.74 10.59
C GLU D 110 16.44 1.25 9.39
N LYS D 111 16.04 2.51 9.44
CA LYS D 111 15.23 3.07 8.35
C LYS D 111 15.78 4.38 7.79
N ASP D 112 15.47 5.48 8.46
CA ASP D 112 15.86 6.80 7.98
C ASP D 112 16.98 7.37 8.83
N GLY D 113 18.19 6.81 8.66
CA GLY D 113 19.34 7.22 9.44
C GLY D 113 19.16 7.08 10.94
N LYS D 114 18.24 6.19 11.34
CA LYS D 114 17.92 5.97 12.75
C LYS D 114 18.02 4.49 13.08
N LYS D 115 18.60 4.18 14.23
CA LYS D 115 18.73 2.80 14.67
C LYS D 115 17.87 2.55 15.91
N GLY D 116 16.85 1.72 15.76
CA GLY D 116 15.90 1.49 16.82
C GLY D 116 15.78 0.01 17.13
N MSE D 117 14.89 -0.35 18.05
CA MSE D 117 14.76 -1.72 18.48
C MSE D 117 13.33 -2.21 18.50
O MSE D 117 12.43 -1.53 19.03
CB MSE D 117 15.36 -1.92 19.88
CG MSE D 117 16.87 -1.72 19.96
SE MSE D 117 17.90 -3.17 19.18
CE MSE D 117 17.26 -4.61 20.36
N VAL D 118 13.09 -3.38 17.93
CA VAL D 118 11.80 -4.05 18.09
C VAL D 118 11.94 -5.05 19.22
N PHE D 119 11.07 -4.95 20.21
CA PHE D 119 11.04 -5.89 21.32
C PHE D 119 9.72 -6.62 21.32
N LEU D 120 9.77 -7.94 21.17
CA LEU D 120 8.58 -8.74 21.38
C LEU D 120 8.66 -9.32 22.78
N SER D 121 7.50 -9.50 23.39
CA SER D 121 7.40 -10.04 24.74
C SER D 121 6.32 -11.10 24.71
N GLN D 122 6.45 -12.09 25.58
CA GLN D 122 5.57 -13.25 25.52
C GLN D 122 5.56 -13.99 26.85
N SER D 123 4.43 -14.62 27.17
CA SER D 123 4.31 -15.37 28.40
C SER D 123 5.18 -16.61 28.36
N LEU D 124 5.55 -17.09 29.55
CA LEU D 124 6.31 -18.31 29.70
C LEU D 124 5.38 -19.51 29.83
N LEU D 125 4.10 -19.25 30.05
CA LEU D 125 3.08 -20.29 30.23
C LEU D 125 3.39 -21.24 31.39
CL CL E . 2.85 13.82 7.28
CL CL F . -5.34 -7.32 -4.32
CL CL G . -2.84 2.03 15.27
CL CL H . -0.64 -9.52 -3.77
CL CL I . 1.97 -13.74 -19.71
CL CL J . -1.04 -2.06 -5.63
CL CL K . -2.13 -2.81 -14.35
C ACT L . 9.91 -27.30 27.07
O ACT L . 10.83 -26.45 27.13
OXT ACT L . 10.26 -28.47 26.79
CH3 ACT L . 8.47 -26.97 27.33
CL CL M . 5.29 8.83 10.26
CL CL N . 16.77 -12.14 35.25
#